data_7CNS
#
_entry.id   7CNS
#
_cell.length_a   102.444
_cell.length_b   102.444
_cell.length_c   115.849
_cell.angle_alpha   90.000
_cell.angle_beta   90.000
_cell.angle_gamma   90.000
#
_symmetry.space_group_name_H-M   'P 42 21 2'
#
loop_
_entity.id
_entity.type
_entity.pdbx_description
1 polymer 'DUF521 domain-containing protein'
2 polymer 'UPF0107 protein TK1248'
3 non-polymer '(3R)-3-HYDROXY-3-METHYL-5-(PHOSPHONOOXY)PENTANOIC ACID'
4 non-polymer 'FE3-S4 CLUSTER'
5 water water
#
loop_
_entity_poly.entity_id
_entity_poly.type
_entity_poly.pdbx_seq_one_letter_code
_entity_poly.pdbx_strand_id
1 'polypeptide(L)'
;MYLTKEEELILAGEYGYALQKAMEILVALGDIYGADRLIPIKSAQVAGVSYKNIGDAGIEFLRDFVEAGAKVSVYTTLNP
AGIGDDEFMEKQMEVLELYRKMGIEVTSTCTPYYGANLPKFGDHIAWSESSAVSFANSILGARTNREGGPSSLAAAIVGK
TPNYGLHLDENRKATVIVDVKAKVKTFADYSVLGYHVGKTLGNDVPYFKNLKPEKTEFLKELGAAMGATGSIALYHVEGE
TPEYREAITDKLETITVEDSDLKAVRESFQDDWSDIDMILIGCPHASLPEVKEIAELLRMRGKPLKIPLFITASRAVKAL
ADALGYTEIIERYNGKIIPDSCFVVSPIKGWYRGIATNSGKSAFYFRSFGFSVRLDDVENLIKEAP
;
A
2 'polypeptide(L)'
;GPKLKGRKIVGGKAEGEVIVSRKPLSFLGGVDPETGIVTDAESDIRGQSIAGKILVFPRGKGSTVGSYVIYALKKNNKAP
KAIIVGEAETIVATGAIISDIPMVDGVDVSKLKTGMKVRVDADSGEVEILEDGE
;
B
#
# COMPACT_ATOMS: atom_id res chain seq x y z
N MET A 1 -13.33 -5.26 22.70
CA MET A 1 -12.87 -6.57 22.24
C MET A 1 -12.58 -7.53 23.40
N TYR A 2 -13.21 -8.70 23.35
CA TYR A 2 -12.93 -9.73 24.34
C TYR A 2 -11.50 -10.23 24.19
N LEU A 3 -10.81 -10.40 25.32
CA LEU A 3 -9.49 -11.04 25.35
C LEU A 3 -9.56 -12.30 26.21
N THR A 4 -8.92 -13.37 25.76
CA THR A 4 -8.80 -14.53 26.64
C THR A 4 -7.90 -14.21 27.83
N LYS A 5 -7.91 -15.11 28.82
CA LYS A 5 -7.04 -14.92 29.98
C LYS A 5 -5.58 -14.82 29.54
N GLU A 6 -5.15 -15.69 28.63
CA GLU A 6 -3.77 -15.61 28.17
C GLU A 6 -3.47 -14.29 27.47
N GLU A 7 -4.40 -13.79 26.65
CA GLU A 7 -4.18 -12.52 25.97
C GLU A 7 -4.16 -11.36 26.95
N GLU A 8 -4.97 -11.44 28.02
CA GLU A 8 -4.93 -10.40 29.05
C GLU A 8 -3.56 -10.36 29.73
N LEU A 9 -2.99 -11.53 30.00
CA LEU A 9 -1.66 -11.59 30.61
C LEU A 9 -0.59 -11.00 29.70
N ILE A 10 -0.70 -11.27 28.39
CA ILE A 10 0.22 -10.70 27.41
C ILE A 10 0.12 -9.19 27.43
N LEU A 11 -1.12 -8.67 27.34
CA LEU A 11 -1.34 -7.23 27.43
C LEU A 11 -0.74 -6.67 28.71
N ALA A 12 -0.88 -7.39 29.82
CA ALA A 12 -0.39 -6.91 31.11
C ALA A 12 1.14 -6.92 31.20
N GLY A 13 1.83 -7.60 30.28
CA GLY A 13 3.27 -7.65 30.31
C GLY A 13 3.85 -8.90 30.92
N GLU A 14 3.00 -9.85 31.29
CA GLU A 14 3.45 -11.06 31.97
C GLU A 14 4.42 -11.86 31.11
N TYR A 15 4.34 -11.72 29.79
CA TYR A 15 5.22 -12.48 28.90
C TYR A 15 6.23 -11.58 28.19
N GLY A 16 6.53 -10.42 28.74
CA GLY A 16 7.62 -9.61 28.25
C GLY A 16 7.13 -8.45 27.40
N TYR A 17 8.07 -7.52 27.17
CA TYR A 17 7.72 -6.24 26.56
C TYR A 17 7.35 -6.40 25.09
N ALA A 18 8.04 -7.30 24.37
CA ALA A 18 7.81 -7.41 22.93
C ALA A 18 6.37 -7.82 22.63
N LEU A 19 5.89 -8.87 23.30
CA LEU A 19 4.50 -9.28 23.07
C LEU A 19 3.53 -8.20 23.53
N GLN A 20 3.88 -7.48 24.59
CA GLN A 20 2.94 -6.48 25.10
C GLN A 20 2.83 -5.31 24.15
N LYS A 21 3.97 -4.86 23.59
CA LYS A 21 3.94 -3.78 22.60
C LYS A 21 3.08 -4.15 21.40
N ALA A 22 3.26 -5.36 20.87
CA ALA A 22 2.43 -5.80 19.75
C ALA A 22 0.96 -5.87 20.14
N MET A 23 0.66 -6.50 21.27
CA MET A 23 -0.72 -6.63 21.73
C MET A 23 -1.39 -5.26 21.90
N GLU A 24 -0.65 -4.26 22.37
CA GLU A 24 -1.26 -2.94 22.57
C GLU A 24 -1.73 -2.35 21.24
N ILE A 25 -0.98 -2.59 20.16
CA ILE A 25 -1.44 -2.11 18.86
C ILE A 25 -2.70 -2.84 18.45
N LEU A 26 -2.73 -4.16 18.61
CA LEU A 26 -3.89 -4.92 18.16
C LEU A 26 -5.13 -4.61 18.99
N VAL A 27 -4.96 -4.42 20.31
CA VAL A 27 -6.12 -4.10 21.16
C VAL A 27 -6.70 -2.73 20.79
N ALA A 28 -5.84 -1.73 20.58
CA ALA A 28 -6.32 -0.42 20.15
C ALA A 28 -7.15 -0.53 18.87
N LEU A 29 -6.65 -1.30 17.89
CA LEU A 29 -7.37 -1.41 16.62
C LEU A 29 -8.70 -2.13 16.82
N GLY A 30 -8.70 -3.24 17.54
CA GLY A 30 -9.93 -3.98 17.71
C GLY A 30 -10.98 -3.16 18.44
N ASP A 31 -10.54 -2.34 19.41
CA ASP A 31 -11.45 -1.47 20.15
C ASP A 31 -12.03 -0.38 19.27
N ILE A 32 -11.21 0.22 18.39
CA ILE A 32 -11.70 1.23 17.46
C ILE A 32 -12.81 0.66 16.60
N TYR A 33 -12.58 -0.49 15.98
CA TYR A 33 -13.44 -0.97 14.91
C TYR A 33 -14.50 -1.96 15.39
N GLY A 34 -14.62 -2.19 16.70
CA GLY A 34 -15.70 -3.03 17.17
C GLY A 34 -15.49 -4.51 16.96
N ALA A 35 -14.24 -4.97 16.90
CA ALA A 35 -13.96 -6.40 16.79
C ALA A 35 -14.43 -7.14 18.04
N ASP A 36 -15.05 -8.30 17.85
CA ASP A 36 -15.50 -9.08 19.01
C ASP A 36 -14.33 -9.76 19.74
N ARG A 37 -13.31 -10.21 19.00
CA ARG A 37 -12.22 -10.97 19.59
C ARG A 37 -11.02 -10.92 18.65
N LEU A 38 -9.90 -11.45 19.13
CA LEU A 38 -8.73 -11.73 18.30
C LEU A 38 -8.90 -13.10 17.67
N ILE A 39 -8.55 -13.22 16.40
CA ILE A 39 -8.59 -14.53 15.75
C ILE A 39 -7.19 -14.93 15.33
N PRO A 40 -6.85 -16.22 15.32
CA PRO A 40 -5.50 -16.61 14.85
C PRO A 40 -5.36 -16.36 13.34
N ILE A 41 -4.12 -16.11 12.92
CA ILE A 41 -3.83 -15.87 11.51
C ILE A 41 -2.89 -16.96 11.02
N LYS A 42 -3.05 -17.36 9.76
CA LYS A 42 -2.20 -18.42 9.23
C LYS A 42 -0.85 -17.90 8.74
N SER A 43 -0.74 -16.61 8.41
CA SER A 43 0.53 -16.02 8.01
C SER A 43 0.43 -14.51 8.11
N ALA A 44 1.60 -13.86 8.03
CA ALA A 44 1.71 -12.41 7.91
C ALA A 44 2.63 -12.06 6.75
N GLN A 45 2.41 -10.87 6.19
CA GLN A 45 3.29 -10.25 5.21
C GLN A 45 3.52 -8.81 5.67
N VAL A 46 4.78 -8.41 5.81
CA VAL A 46 5.14 -7.19 6.52
C VAL A 46 5.80 -6.21 5.55
N ALA A 47 5.21 -5.02 5.42
CA ALA A 47 5.77 -3.92 4.66
C ALA A 47 6.38 -2.86 5.57
N GLY A 48 7.21 -2.02 4.99
CA GLY A 48 7.95 -1.03 5.75
C GLY A 48 9.38 -1.48 5.89
N VAL A 49 10.08 -1.57 4.76
CA VAL A 49 11.34 -2.29 4.68
C VAL A 49 12.40 -1.38 4.09
N SER A 50 12.07 -0.69 3.02
CA SER A 50 13.03 0.24 2.44
C SER A 50 13.36 1.34 3.43
N TYR A 51 14.66 1.57 3.64
CA TYR A 51 15.09 2.63 4.53
C TYR A 51 14.55 3.99 4.10
N LYS A 52 14.34 4.19 2.81
CA LYS A 52 13.78 5.47 2.33
C LYS A 52 12.39 5.75 2.92
N ASN A 53 11.60 4.69 3.15
CA ASN A 53 10.20 4.78 3.57
C ASN A 53 10.08 4.94 5.09
N ILE A 54 10.94 4.28 5.86
CA ILE A 54 10.77 4.25 7.31
C ILE A 54 11.81 5.09 8.05
N GLY A 55 13.00 5.31 7.48
CA GLY A 55 13.94 6.24 8.11
C GLY A 55 14.56 5.73 9.41
N ASP A 56 15.26 6.64 10.07
CA ASP A 56 15.82 6.31 11.40
C ASP A 56 14.72 6.04 12.42
N ALA A 57 13.59 6.75 12.31
CA ALA A 57 12.48 6.49 13.22
C ALA A 57 11.95 5.07 13.06
N GLY A 58 11.89 4.57 11.82
CA GLY A 58 11.50 3.17 11.62
C GLY A 58 12.49 2.19 12.20
N ILE A 59 13.79 2.47 12.04
CA ILE A 59 14.79 1.60 12.66
C ILE A 59 14.62 1.57 14.18
N GLU A 60 14.36 2.74 14.78
CA GLU A 60 14.15 2.79 16.23
C GLU A 60 12.95 1.93 16.64
N PHE A 61 11.85 2.05 15.90
CA PHE A 61 10.64 1.29 16.19
C PHE A 61 10.93 -0.21 16.16
N LEU A 62 11.67 -0.67 15.14
CA LEU A 62 11.99 -2.09 15.05
C LEU A 62 12.98 -2.51 16.13
N ARG A 63 13.99 -1.68 16.38
CA ARG A 63 14.96 -2.03 17.42
C ARG A 63 14.29 -2.15 18.78
N ASP A 64 13.26 -1.33 19.04
CA ASP A 64 12.49 -1.46 20.27
C ASP A 64 11.96 -2.88 20.44
N PHE A 65 11.43 -3.47 19.36
CA PHE A 65 11.00 -4.86 19.40
C PHE A 65 12.18 -5.79 19.57
N VAL A 66 13.22 -5.61 18.75
CA VAL A 66 14.29 -6.59 18.67
C VAL A 66 15.05 -6.66 19.98
N GLU A 67 15.28 -5.49 20.61
CA GLU A 67 16.01 -5.45 21.87
C GLU A 67 15.27 -6.17 22.99
N ALA A 68 13.95 -6.33 22.86
CA ALA A 68 13.18 -7.14 23.80
C ALA A 68 13.04 -8.59 23.34
N GLY A 69 13.81 -9.00 22.35
CA GLY A 69 13.77 -10.39 21.92
C GLY A 69 12.51 -10.78 21.17
N ALA A 70 11.91 -9.84 20.44
CA ALA A 70 10.68 -10.13 19.70
C ALA A 70 10.91 -11.24 18.68
N LYS A 71 9.94 -12.15 18.57
CA LYS A 71 9.96 -13.18 17.54
C LYS A 71 8.54 -13.37 17.02
N VAL A 72 8.39 -13.52 15.70
CA VAL A 72 7.07 -13.80 15.15
C VAL A 72 6.65 -15.20 15.56
N SER A 73 5.37 -15.39 15.84
CA SER A 73 4.84 -16.68 16.24
C SER A 73 4.07 -17.36 15.12
N VAL A 74 3.95 -16.73 13.96
CA VAL A 74 3.42 -17.37 12.77
C VAL A 74 4.38 -17.11 11.60
N TYR A 75 4.27 -17.95 10.58
CA TYR A 75 4.98 -17.77 9.32
C TYR A 75 4.78 -16.36 8.77
N THR A 76 5.89 -15.64 8.55
CA THR A 76 5.86 -14.22 8.18
C THR A 76 6.86 -13.96 7.05
N THR A 77 6.39 -13.34 5.97
CA THR A 77 7.26 -12.95 4.86
C THR A 77 7.36 -11.42 4.81
N LEU A 78 8.25 -10.93 3.93
CA LEU A 78 8.74 -9.56 4.03
C LEU A 78 8.76 -8.88 2.66
N ASN A 79 8.42 -7.59 2.65
CA ASN A 79 8.35 -6.76 1.43
C ASN A 79 9.76 -6.36 0.96
N PRO A 80 9.90 -5.74 -0.22
CA PRO A 80 11.23 -5.53 -0.80
C PRO A 80 12.01 -4.37 -0.18
N ALA A 81 13.33 -4.43 -0.36
CA ALA A 81 14.27 -3.41 0.07
C ALA A 81 14.47 -2.36 -1.03
N GLY A 82 15.00 -1.21 -0.64
CA GLY A 82 15.38 -0.20 -1.62
C GLY A 82 16.82 -0.42 -2.12
N ILE A 83 17.22 0.39 -3.10
CA ILE A 83 18.57 0.38 -3.68
C ILE A 83 19.13 1.81 -3.61
N GLY A 84 20.40 1.95 -3.26
CA GLY A 84 20.98 3.29 -3.19
C GLY A 84 22.50 3.25 -3.04
N ASP A 85 23.07 4.37 -2.56
CA ASP A 85 24.52 4.48 -2.43
C ASP A 85 24.99 3.76 -1.17
N ASP A 86 26.28 3.87 -0.85
CA ASP A 86 26.86 3.07 0.23
C ASP A 86 26.18 3.37 1.57
N GLU A 87 26.00 4.65 1.88
CA GLU A 87 25.37 5.02 3.15
C GLU A 87 23.94 4.47 3.22
N PHE A 88 23.18 4.59 2.13
CA PHE A 88 21.83 4.05 2.12
C PHE A 88 21.83 2.54 2.34
N MET A 89 22.69 1.81 1.63
CA MET A 89 22.68 0.36 1.74
C MET A 89 23.12 -0.12 3.12
N GLU A 90 24.00 0.62 3.81
CA GLU A 90 24.33 0.23 5.16
C GLU A 90 23.08 0.28 6.04
N LYS A 91 22.32 1.37 5.93
CA LYS A 91 21.06 1.48 6.67
C LYS A 91 20.08 0.40 6.24
N GLN A 92 20.03 0.11 4.94
CA GLN A 92 19.09 -0.89 4.42
C GLN A 92 19.41 -2.28 4.95
N MET A 93 20.70 -2.61 5.06
CA MET A 93 21.09 -3.88 5.65
C MET A 93 20.70 -3.96 7.12
N GLU A 94 20.80 -2.82 7.83
CA GLU A 94 20.40 -2.78 9.23
C GLU A 94 18.94 -3.18 9.41
N VAL A 95 18.06 -2.61 8.59
CA VAL A 95 16.63 -2.93 8.63
C VAL A 95 16.40 -4.42 8.39
N LEU A 96 16.97 -4.96 7.29
CA LEU A 96 16.76 -6.37 7.00
C LEU A 96 17.27 -7.26 8.13
N GLU A 97 18.38 -6.89 8.76
CA GLU A 97 18.89 -7.70 9.86
C GLU A 97 17.96 -7.64 11.08
N LEU A 98 17.36 -6.48 11.35
CA LEU A 98 16.35 -6.37 12.41
C LEU A 98 15.16 -7.30 12.13
N TYR A 99 14.67 -7.31 10.89
CA TYR A 99 13.58 -8.23 10.59
C TYR A 99 14.06 -9.69 10.71
N ARG A 100 15.26 -9.99 10.20
CA ARG A 100 15.78 -11.36 10.31
C ARG A 100 15.79 -11.84 11.76
N LYS A 101 16.19 -10.95 12.68
CA LYS A 101 16.33 -11.31 14.08
C LYS A 101 15.00 -11.66 14.72
N MET A 102 13.89 -11.20 14.15
CA MET A 102 12.58 -11.54 14.66
C MET A 102 12.03 -12.83 14.08
N GLY A 103 12.86 -13.60 13.35
CA GLY A 103 12.42 -14.86 12.79
C GLY A 103 11.57 -14.75 11.55
N ILE A 104 11.59 -13.61 10.88
CA ILE A 104 10.80 -13.41 9.67
C ILE A 104 11.57 -14.01 8.50
N GLU A 105 10.85 -14.57 7.53
CA GLU A 105 11.49 -14.99 6.28
C GLU A 105 11.81 -13.75 5.46
N VAL A 106 13.10 -13.44 5.33
CA VAL A 106 13.49 -12.25 4.60
C VAL A 106 13.38 -12.57 3.11
N THR A 107 12.16 -12.55 2.58
CA THR A 107 11.89 -12.87 1.19
C THR A 107 11.99 -11.64 0.29
N SER A 108 11.80 -10.45 0.85
CA SER A 108 12.04 -9.18 0.16
C SER A 108 11.29 -9.10 -1.17
N THR A 109 9.99 -9.38 -1.14
CA THR A 109 9.23 -9.33 -2.38
C THR A 109 7.79 -9.01 -2.07
N CYS A 110 7.18 -8.22 -2.95
CA CYS A 110 5.76 -7.94 -2.84
C CYS A 110 4.90 -9.05 -3.45
N THR A 111 5.48 -10.11 -4.01
CA THR A 111 4.71 -11.24 -4.52
C THR A 111 5.13 -12.51 -3.77
N PRO A 112 4.87 -12.59 -2.46
CA PRO A 112 5.23 -13.81 -1.73
C PRO A 112 4.46 -15.02 -2.20
N TYR A 113 3.30 -14.81 -2.83
CA TYR A 113 2.47 -15.91 -3.29
C TYR A 113 3.06 -16.63 -4.50
N TYR A 114 4.22 -16.19 -5.01
CA TYR A 114 4.95 -16.93 -6.04
C TYR A 114 6.00 -17.83 -5.39
N GLY A 115 5.54 -18.81 -4.60
CA GLY A 115 6.42 -19.87 -4.10
C GLY A 115 6.80 -19.78 -2.63
N ALA A 116 6.69 -18.62 -1.99
CA ALA A 116 7.08 -18.50 -0.58
C ALA A 116 5.92 -18.61 0.40
N ASN A 117 4.77 -18.00 0.09
CA ASN A 117 3.69 -17.86 1.07
C ASN A 117 2.40 -17.66 0.27
N LEU A 118 1.71 -18.77 0.00
CA LEU A 118 0.51 -18.76 -0.82
C LEU A 118 -0.72 -18.97 0.07
N PRO A 119 -1.54 -17.95 0.31
CA PRO A 119 -2.72 -18.15 1.16
C PRO A 119 -3.75 -19.01 0.44
N LYS A 120 -4.50 -19.77 1.23
CA LYS A 120 -5.60 -20.58 0.70
C LYS A 120 -6.91 -19.81 0.81
N PHE A 121 -7.83 -20.07 -0.12
CA PHE A 121 -9.20 -19.58 -0.01
C PHE A 121 -9.70 -19.71 1.43
N GLY A 122 -10.28 -18.63 1.93
CA GLY A 122 -10.85 -18.62 3.27
C GLY A 122 -9.87 -18.39 4.40
N ASP A 123 -8.56 -18.41 4.15
CA ASP A 123 -7.59 -18.27 5.24
C ASP A 123 -7.62 -16.85 5.82
N HIS A 124 -7.59 -16.75 7.15
CA HIS A 124 -7.42 -15.44 7.80
C HIS A 124 -5.94 -15.14 7.98
N ILE A 125 -5.49 -14.00 7.46
CA ILE A 125 -4.09 -13.61 7.48
C ILE A 125 -3.99 -12.12 7.81
N ALA A 126 -2.77 -11.66 8.08
CA ALA A 126 -2.57 -10.24 8.36
C ALA A 126 -1.44 -9.77 7.46
N TRP A 127 -1.82 -9.19 6.33
CA TRP A 127 -0.88 -8.74 5.31
C TRP A 127 -0.98 -7.24 5.16
N SER A 128 0.18 -6.57 5.15
CA SER A 128 0.32 -5.26 4.52
C SER A 128 0.86 -5.50 3.09
N GLU A 129 1.41 -4.46 2.45
CA GLU A 129 1.61 -4.36 1.00
C GLU A 129 0.27 -4.39 0.28
N SER A 130 -0.19 -3.20 -0.15
CA SER A 130 -1.56 -3.07 -0.66
C SER A 130 -1.83 -3.92 -1.91
N SER A 131 -0.83 -4.12 -2.79
CA SER A 131 -1.14 -4.98 -3.94
C SER A 131 -1.25 -6.45 -3.54
N ALA A 132 -0.58 -6.85 -2.45
CA ALA A 132 -0.65 -8.26 -2.05
C ALA A 132 -1.92 -8.51 -1.25
N VAL A 133 -2.32 -7.54 -0.43
CA VAL A 133 -3.65 -7.52 0.18
C VAL A 133 -4.71 -7.74 -0.89
N SER A 134 -4.66 -6.94 -1.96
CA SER A 134 -5.66 -7.04 -3.01
C SER A 134 -5.62 -8.43 -3.67
N PHE A 135 -4.40 -8.91 -3.96
CA PHE A 135 -4.26 -10.25 -4.57
C PHE A 135 -4.85 -11.33 -3.69
N ALA A 136 -4.52 -11.31 -2.39
CA ALA A 136 -4.95 -12.37 -1.48
C ALA A 136 -6.47 -12.35 -1.29
N ASN A 137 -7.06 -11.15 -1.13
CA ASN A 137 -8.51 -11.06 -0.93
C ASN A 137 -9.26 -11.40 -2.21
N SER A 138 -8.85 -10.80 -3.34
CA SER A 138 -9.65 -10.78 -4.55
C SER A 138 -9.41 -12.02 -5.41
N ILE A 139 -8.16 -12.35 -5.66
CA ILE A 139 -7.85 -13.43 -6.59
C ILE A 139 -7.90 -14.78 -5.90
N LEU A 140 -7.45 -14.87 -4.63
CA LEU A 140 -7.42 -16.13 -3.91
C LEU A 140 -8.59 -16.30 -2.95
N GLY A 141 -9.31 -15.24 -2.61
CA GLY A 141 -10.39 -15.37 -1.64
C GLY A 141 -9.94 -15.64 -0.21
N ALA A 142 -8.68 -15.39 0.12
CA ALA A 142 -8.28 -15.32 1.52
C ALA A 142 -8.85 -14.04 2.15
N ARG A 143 -8.56 -13.81 3.43
CA ARG A 143 -9.18 -12.70 4.15
C ARG A 143 -8.11 -11.94 4.93
N THR A 144 -7.93 -10.66 4.57
CA THR A 144 -7.03 -9.79 5.31
C THR A 144 -7.50 -8.35 5.18
N ASN A 145 -7.37 -7.60 6.27
CA ASN A 145 -7.53 -6.16 6.16
C ASN A 145 -6.34 -5.55 5.42
N ARG A 146 -6.51 -4.29 5.03
CA ARG A 146 -5.42 -3.49 4.45
C ARG A 146 -4.56 -3.04 5.62
N GLU A 147 -3.70 -3.95 6.08
CA GLU A 147 -2.94 -3.66 7.31
C GLU A 147 -1.91 -2.58 7.06
N GLY A 148 -1.71 -1.71 8.05
CA GLY A 148 -0.49 -0.93 8.07
C GLY A 148 0.71 -1.84 8.29
N GLY A 149 1.87 -1.42 7.77
CA GLY A 149 3.11 -2.12 8.07
C GLY A 149 3.22 -2.54 9.53
N PRO A 150 3.06 -1.60 10.47
CA PRO A 150 3.22 -1.98 11.89
C PRO A 150 2.12 -2.89 12.39
N SER A 151 0.90 -2.79 11.87
CA SER A 151 -0.13 -3.67 12.41
C SER A 151 0.04 -5.10 11.88
N SER A 152 0.59 -5.26 10.68
CA SER A 152 0.92 -6.61 10.21
C SER A 152 2.04 -7.19 11.06
N LEU A 153 3.02 -6.37 11.44
CA LEU A 153 4.11 -6.85 12.29
C LEU A 153 3.58 -7.25 13.67
N ALA A 154 2.73 -6.40 14.26
CA ALA A 154 2.15 -6.72 15.55
C ALA A 154 1.37 -8.03 15.49
N ALA A 155 0.62 -8.24 14.42
CA ALA A 155 -0.12 -9.49 14.28
C ALA A 155 0.82 -10.68 14.15
N ALA A 156 1.92 -10.49 13.42
CA ALA A 156 2.88 -11.59 13.25
C ALA A 156 3.46 -12.03 14.59
N ILE A 157 3.69 -11.06 15.49
CA ILE A 157 4.33 -11.38 16.76
C ILE A 157 3.34 -12.07 17.70
N VAL A 158 2.12 -11.53 17.81
CA VAL A 158 1.09 -12.15 18.66
C VAL A 158 0.54 -13.43 18.01
N GLY A 159 0.56 -13.50 16.68
CA GLY A 159 -0.04 -14.62 15.95
C GLY A 159 -1.53 -14.51 15.77
N LYS A 160 -2.10 -13.33 15.98
CA LYS A 160 -3.53 -13.11 15.92
C LYS A 160 -3.78 -11.71 15.39
N THR A 161 -4.99 -11.47 14.92
CA THR A 161 -5.42 -10.17 14.44
C THR A 161 -6.84 -9.93 14.88
N PRO A 162 -7.27 -8.66 15.01
CA PRO A 162 -8.64 -8.40 15.48
C PRO A 162 -9.67 -8.76 14.42
N ASN A 163 -10.79 -9.33 14.86
CA ASN A 163 -11.79 -9.86 13.95
C ASN A 163 -12.77 -8.75 13.56
N TYR A 164 -12.34 -7.90 12.63
CA TYR A 164 -13.20 -6.86 12.06
C TYR A 164 -12.92 -6.74 10.57
N GLY A 165 -13.75 -5.96 9.88
CA GLY A 165 -13.40 -5.58 8.51
C GLY A 165 -13.53 -6.75 7.55
N LEU A 166 -12.49 -6.95 6.72
CA LEU A 166 -12.56 -7.94 5.67
C LEU A 166 -12.52 -9.37 6.20
N HIS A 167 -12.37 -9.57 7.50
CA HIS A 167 -12.51 -10.94 8.03
C HIS A 167 -13.95 -11.40 8.10
N LEU A 168 -14.92 -10.48 7.98
CA LEU A 168 -16.33 -10.77 8.20
C LEU A 168 -17.06 -10.93 6.88
N ASP A 169 -17.98 -11.91 6.81
CA ASP A 169 -18.70 -12.16 5.56
C ASP A 169 -19.37 -10.90 5.04
N GLU A 170 -19.97 -10.11 5.94
CA GLU A 170 -20.78 -8.98 5.46
C GLU A 170 -19.94 -7.89 4.81
N ASN A 171 -18.66 -7.79 5.15
CA ASN A 171 -17.78 -6.78 4.56
C ASN A 171 -17.07 -7.27 3.31
N ARG A 172 -17.44 -8.44 2.80
CA ARG A 172 -16.90 -8.92 1.54
C ARG A 172 -17.91 -8.83 0.41
N LYS A 173 -19.08 -8.23 0.67
CA LYS A 173 -20.07 -8.01 -0.36
C LYS A 173 -19.70 -6.81 -1.21
N ALA A 174 -20.05 -6.90 -2.49
CA ALA A 174 -19.88 -5.76 -3.40
C ALA A 174 -20.68 -4.55 -2.89
N THR A 175 -20.09 -3.37 -3.04
CA THR A 175 -20.75 -2.09 -2.73
C THR A 175 -21.10 -1.30 -3.98
N VAL A 176 -20.62 -1.69 -5.16
CA VAL A 176 -20.87 -0.94 -6.38
C VAL A 176 -20.51 -1.88 -7.53
N ILE A 177 -21.18 -1.69 -8.67
CA ILE A 177 -20.91 -2.44 -9.88
C ILE A 177 -20.12 -1.55 -10.83
N VAL A 178 -19.07 -2.09 -11.44
CA VAL A 178 -18.28 -1.36 -12.43
C VAL A 178 -18.48 -2.05 -13.77
N ASP A 179 -19.18 -1.37 -14.69
CA ASP A 179 -19.41 -1.89 -16.03
C ASP A 179 -18.30 -1.36 -16.94
N VAL A 180 -17.43 -2.25 -17.40
CA VAL A 180 -16.26 -1.83 -18.19
C VAL A 180 -16.67 -1.88 -19.66
N LYS A 181 -17.15 -0.74 -20.18
CA LYS A 181 -17.47 -0.66 -21.61
C LYS A 181 -16.21 -0.45 -22.44
N ALA A 182 -15.19 0.19 -21.85
CA ALA A 182 -13.91 0.40 -22.52
C ALA A 182 -13.33 -0.91 -23.00
N LYS A 183 -12.55 -0.85 -24.08
CA LYS A 183 -11.78 -2.00 -24.53
C LYS A 183 -10.59 -2.20 -23.59
N VAL A 184 -10.58 -3.31 -22.87
CA VAL A 184 -9.51 -3.59 -21.91
C VAL A 184 -9.00 -4.99 -22.20
N LYS A 185 -7.82 -5.06 -22.82
CA LYS A 185 -7.26 -6.35 -23.23
C LYS A 185 -5.82 -6.59 -22.76
N THR A 186 -4.98 -5.55 -22.72
CA THR A 186 -3.56 -5.73 -22.43
C THR A 186 -3.23 -5.40 -20.97
N PHE A 187 -2.00 -5.76 -20.58
CA PHE A 187 -1.50 -5.43 -19.24
C PHE A 187 -1.68 -3.94 -18.95
N ALA A 188 -1.19 -3.08 -19.86
CA ALA A 188 -1.26 -1.65 -19.64
C ALA A 188 -2.70 -1.16 -19.68
N ASP A 189 -3.58 -1.81 -20.44
CA ASP A 189 -5.00 -1.50 -20.31
C ASP A 189 -5.47 -1.70 -18.87
N TYR A 190 -5.08 -2.82 -18.24
CA TYR A 190 -5.50 -3.05 -16.85
C TYR A 190 -4.83 -2.07 -15.89
N SER A 191 -3.59 -1.66 -16.17
CA SER A 191 -2.95 -0.62 -15.37
C SER A 191 -3.81 0.64 -15.28
N VAL A 192 -4.26 1.14 -16.44
CA VAL A 192 -5.00 2.41 -16.43
C VAL A 192 -6.44 2.20 -15.98
N LEU A 193 -7.01 1.02 -16.21
CA LEU A 193 -8.32 0.72 -15.62
C LEU A 193 -8.26 0.82 -14.10
N GLY A 194 -7.25 0.20 -13.50
CA GLY A 194 -7.13 0.27 -12.05
C GLY A 194 -6.80 1.67 -11.55
N TYR A 195 -5.92 2.38 -12.26
CA TYR A 195 -5.63 3.77 -11.92
C TYR A 195 -6.91 4.58 -11.83
N HIS A 196 -7.74 4.51 -12.87
CA HIS A 196 -8.98 5.26 -12.93
C HIS A 196 -9.94 4.83 -11.82
N VAL A 197 -10.16 3.53 -11.68
CA VAL A 197 -11.19 3.06 -10.74
C VAL A 197 -10.80 3.38 -9.30
N GLY A 198 -9.51 3.21 -8.95
CA GLY A 198 -9.05 3.53 -7.60
C GLY A 198 -9.36 4.95 -7.17
N LYS A 199 -9.14 5.92 -8.07
CA LYS A 199 -9.39 7.30 -7.69
C LYS A 199 -10.84 7.73 -7.88
N THR A 200 -11.63 6.98 -8.65
CA THR A 200 -13.05 7.27 -8.82
C THR A 200 -13.87 6.74 -7.66
N LEU A 201 -13.52 5.58 -7.13
CA LEU A 201 -14.24 5.02 -5.99
C LEU A 201 -13.67 5.54 -4.68
N GLY A 202 -14.39 5.25 -3.60
CA GLY A 202 -13.94 5.55 -2.26
C GLY A 202 -13.54 4.26 -1.56
N ASN A 203 -13.98 4.07 -0.32
CA ASN A 203 -13.78 2.81 0.38
C ASN A 203 -14.87 1.84 -0.11
N ASP A 204 -14.55 1.13 -1.18
CA ASP A 204 -15.55 0.32 -1.88
C ASP A 204 -15.03 -1.09 -2.10
N VAL A 205 -15.97 -1.97 -2.41
CA VAL A 205 -15.70 -3.33 -2.86
C VAL A 205 -16.37 -3.44 -4.22
N PRO A 206 -15.65 -3.17 -5.31
CA PRO A 206 -16.29 -3.14 -6.62
C PRO A 206 -16.47 -4.53 -7.22
N TYR A 207 -17.55 -4.66 -7.96
CA TYR A 207 -17.88 -5.86 -8.74
C TYR A 207 -17.73 -5.52 -10.22
N PHE A 208 -16.76 -6.12 -10.90
CA PHE A 208 -16.49 -5.80 -12.30
C PHE A 208 -17.30 -6.69 -13.23
N LYS A 209 -17.95 -6.08 -14.22
CA LYS A 209 -18.68 -6.76 -15.27
C LYS A 209 -18.03 -6.50 -16.62
N ASN A 210 -18.13 -7.48 -17.51
CA ASN A 210 -17.59 -7.40 -18.88
C ASN A 210 -16.06 -7.27 -18.88
N LEU A 211 -15.41 -8.04 -18.01
CA LEU A 211 -13.97 -8.02 -17.86
C LEU A 211 -13.48 -9.45 -17.83
N LYS A 212 -12.77 -9.88 -18.89
CA LYS A 212 -12.30 -11.26 -19.05
C LYS A 212 -10.80 -11.26 -19.29
N PRO A 213 -10.01 -11.17 -18.23
CA PRO A 213 -8.54 -11.08 -18.41
C PRO A 213 -7.94 -12.37 -18.96
N GLU A 214 -7.05 -12.25 -19.93
CA GLU A 214 -6.38 -13.43 -20.45
C GLU A 214 -5.40 -14.00 -19.45
N LYS A 215 -4.78 -13.12 -18.64
CA LYS A 215 -3.68 -13.48 -17.75
C LYS A 215 -3.98 -13.00 -16.34
N THR A 216 -3.63 -13.84 -15.35
CA THR A 216 -3.78 -13.43 -13.95
C THR A 216 -3.00 -12.16 -13.65
N GLU A 217 -1.82 -11.99 -14.27
CA GLU A 217 -1.02 -10.82 -13.96
C GLU A 217 -1.76 -9.53 -14.28
N PHE A 218 -2.75 -9.60 -15.18
CA PHE A 218 -3.59 -8.42 -15.47
C PHE A 218 -4.39 -8.02 -14.24
N LEU A 219 -4.91 -9.00 -13.51
CA LEU A 219 -5.64 -8.66 -12.28
C LEU A 219 -4.67 -8.27 -11.17
N LYS A 220 -3.48 -8.90 -11.13
CA LYS A 220 -2.46 -8.47 -10.16
C LYS A 220 -2.21 -6.97 -10.32
N GLU A 221 -2.10 -6.52 -11.57
CA GLU A 221 -1.82 -5.11 -11.82
C GLU A 221 -3.04 -4.25 -11.51
N LEU A 222 -4.25 -4.74 -11.83
CA LEU A 222 -5.47 -4.00 -11.53
C LEU A 222 -5.59 -3.71 -10.04
N GLY A 223 -5.39 -4.73 -9.21
CA GLY A 223 -5.44 -4.52 -7.77
C GLY A 223 -4.32 -3.63 -7.27
N ALA A 224 -3.13 -3.73 -7.88
CA ALA A 224 -2.02 -2.89 -7.46
C ALA A 224 -2.31 -1.42 -7.75
N ALA A 225 -2.85 -1.13 -8.93
CA ALA A 225 -3.16 0.26 -9.29
C ALA A 225 -4.27 0.82 -8.41
N MET A 226 -5.35 0.05 -8.18
CA MET A 226 -6.44 0.58 -7.36
C MET A 226 -6.01 0.79 -5.90
N GLY A 227 -5.08 -0.03 -5.41
CA GLY A 227 -4.54 0.18 -4.06
C GLY A 227 -3.53 1.30 -3.96
N ALA A 228 -3.14 1.89 -5.09
CA ALA A 228 -2.23 3.04 -5.13
C ALA A 228 -3.00 4.35 -5.30
N THR A 229 -3.82 4.48 -6.34
CA THR A 229 -4.61 5.70 -6.49
C THR A 229 -5.82 5.74 -5.57
N GLY A 230 -6.15 4.62 -4.92
CA GLY A 230 -7.31 4.52 -4.05
C GLY A 230 -7.02 3.62 -2.87
N SER A 231 -8.06 3.04 -2.28
CA SER A 231 -7.94 2.27 -1.05
C SER A 231 -8.58 0.90 -1.21
N ILE A 232 -8.67 0.40 -2.45
CA ILE A 232 -9.39 -0.84 -2.70
C ILE A 232 -8.58 -2.02 -2.17
N ALA A 233 -9.17 -2.79 -1.26
CA ALA A 233 -8.54 -3.99 -0.72
C ALA A 233 -9.11 -5.29 -1.27
N LEU A 234 -10.35 -5.27 -1.75
CA LEU A 234 -11.03 -6.45 -2.27
C LEU A 234 -11.93 -6.02 -3.41
N TYR A 235 -11.89 -6.77 -4.52
CA TYR A 235 -12.82 -6.58 -5.63
C TYR A 235 -13.23 -7.96 -6.15
N HIS A 236 -14.32 -7.98 -6.91
CA HIS A 236 -14.84 -9.18 -7.55
C HIS A 236 -14.85 -8.98 -9.06
N VAL A 237 -14.60 -10.05 -9.81
CA VAL A 237 -14.72 -10.03 -11.26
C VAL A 237 -15.63 -11.20 -11.67
N GLU A 238 -16.72 -10.87 -12.36
CA GLU A 238 -17.71 -11.87 -12.73
C GLU A 238 -17.08 -13.02 -13.52
N GLY A 239 -17.24 -14.25 -13.01
CA GLY A 239 -16.68 -15.43 -13.64
C GLY A 239 -15.22 -15.68 -13.38
N GLU A 240 -14.50 -14.78 -12.70
CA GLU A 240 -13.05 -14.85 -12.67
C GLU A 240 -12.43 -14.83 -11.27
N THR A 241 -13.19 -14.46 -10.23
CA THR A 241 -12.66 -14.44 -8.88
C THR A 241 -13.54 -15.31 -7.99
N PRO A 242 -12.96 -15.99 -6.98
CA PRO A 242 -13.66 -17.12 -6.36
C PRO A 242 -14.91 -16.75 -5.57
N GLU A 243 -15.06 -15.51 -5.12
CA GLU A 243 -16.21 -15.12 -4.32
C GLU A 243 -17.30 -14.41 -5.12
N TYR A 244 -17.25 -14.42 -6.47
CA TYR A 244 -18.12 -13.51 -7.22
C TYR A 244 -19.58 -13.89 -7.12
N ARG A 245 -19.88 -15.18 -6.93
CA ARG A 245 -21.27 -15.56 -7.11
C ARG A 245 -22.15 -15.17 -5.94
N GLU A 246 -21.61 -14.92 -4.76
CA GLU A 246 -22.45 -14.33 -3.72
C GLU A 246 -22.03 -12.93 -3.33
N ALA A 247 -21.36 -12.20 -4.20
CA ALA A 247 -20.87 -10.86 -3.89
C ALA A 247 -22.00 -9.83 -3.88
N ILE A 248 -23.05 -10.02 -4.68
CA ILE A 248 -24.13 -9.03 -4.78
C ILE A 248 -25.32 -9.54 -4.00
N THR A 249 -25.58 -8.91 -2.85
CA THR A 249 -26.74 -9.22 -2.02
C THR A 249 -27.65 -8.01 -1.81
N ASP A 250 -27.36 -6.88 -2.44
CA ASP A 250 -28.16 -5.68 -2.32
C ASP A 250 -28.40 -5.11 -3.71
N LYS A 251 -29.29 -4.13 -3.81
CA LYS A 251 -29.39 -3.35 -5.03
C LYS A 251 -28.28 -2.30 -5.01
N LEU A 252 -27.45 -2.29 -6.04
CA LEU A 252 -26.27 -1.45 -6.08
C LEU A 252 -26.32 -0.49 -7.26
N GLU A 253 -25.64 0.64 -7.11
CA GLU A 253 -25.40 1.51 -8.25
C GLU A 253 -24.33 0.94 -9.17
N THR A 254 -24.35 1.40 -10.42
CA THR A 254 -23.41 0.99 -11.44
C THR A 254 -22.68 2.23 -11.96
N ILE A 255 -21.35 2.22 -11.92
CA ILE A 255 -20.58 3.20 -12.66
C ILE A 255 -20.07 2.50 -13.90
N THR A 256 -19.85 3.26 -14.98
CA THR A 256 -19.31 2.66 -16.18
C THR A 256 -17.98 3.33 -16.51
N VAL A 257 -17.04 2.51 -16.99
CA VAL A 257 -15.74 2.99 -17.44
C VAL A 257 -15.75 2.94 -18.96
N GLU A 258 -15.50 4.10 -19.60
CA GLU A 258 -15.51 4.24 -21.06
C GLU A 258 -14.08 4.42 -21.57
N ASP A 259 -13.93 4.28 -22.88
CA ASP A 259 -12.60 4.48 -23.49
C ASP A 259 -12.04 5.86 -23.13
N SER A 260 -12.91 6.87 -23.02
CA SER A 260 -12.44 8.21 -22.73
C SER A 260 -11.77 8.27 -21.35
N ASP A 261 -12.26 7.46 -20.41
CA ASP A 261 -11.66 7.44 -19.08
C ASP A 261 -10.24 6.90 -19.16
N LEU A 262 -10.02 5.89 -20.01
CA LEU A 262 -8.72 5.24 -20.06
C LEU A 262 -7.75 6.03 -20.92
N LYS A 263 -8.25 6.63 -22.00
CA LYS A 263 -7.44 7.53 -22.82
C LYS A 263 -6.84 8.66 -21.99
N ALA A 264 -7.62 9.20 -21.05
CA ALA A 264 -7.13 10.33 -20.26
C ALA A 264 -5.90 9.93 -19.44
N VAL A 265 -5.94 8.76 -18.82
CA VAL A 265 -4.78 8.29 -18.05
C VAL A 265 -3.61 8.02 -18.99
N ARG A 266 -3.84 7.30 -20.09
N ARG A 266 -3.85 7.31 -20.10
CA ARG A 266 -2.77 7.01 -21.04
CA ARG A 266 -2.78 7.01 -21.04
C ARG A 266 -2.09 8.28 -21.53
C ARG A 266 -2.10 8.26 -21.56
N GLU A 267 -2.89 9.28 -21.91
CA GLU A 267 -2.32 10.49 -22.49
C GLU A 267 -1.55 11.31 -21.48
N SER A 268 -1.80 11.14 -20.18
CA SER A 268 -1.04 11.89 -19.18
C SER A 268 0.29 11.22 -18.82
N PHE A 269 0.53 10.01 -19.32
CA PHE A 269 1.79 9.31 -19.06
C PHE A 269 2.50 9.02 -20.38
N GLN A 270 2.88 10.08 -21.09
CA GLN A 270 3.48 9.90 -22.40
C GLN A 270 4.65 10.85 -22.60
N ASP A 271 5.49 11.00 -21.58
CA ASP A 271 6.68 11.83 -21.74
C ASP A 271 7.56 11.29 -22.86
N ASP A 272 8.33 12.19 -23.47
CA ASP A 272 9.11 11.84 -24.65
C ASP A 272 10.25 10.88 -24.29
N TRP A 273 10.58 10.00 -25.25
CA TRP A 273 11.68 9.05 -25.04
C TRP A 273 12.97 9.75 -24.67
N SER A 274 13.18 10.98 -25.13
CA SER A 274 14.39 11.73 -24.80
C SER A 274 14.48 12.09 -23.31
N ASP A 275 13.39 11.93 -22.57
CA ASP A 275 13.41 12.14 -21.12
C ASP A 275 13.50 10.84 -20.32
N ILE A 276 13.54 9.69 -20.98
CA ILE A 276 13.52 8.38 -20.31
C ILE A 276 14.94 7.82 -20.28
N ASP A 277 15.41 7.38 -19.11
CA ASP A 277 16.71 6.68 -19.13
C ASP A 277 16.66 5.33 -18.43
N MET A 278 15.47 4.76 -18.20
CA MET A 278 15.37 3.36 -17.82
C MET A 278 13.95 2.86 -18.08
N ILE A 279 13.85 1.56 -18.31
CA ILE A 279 12.57 0.85 -18.41
C ILE A 279 12.46 -0.03 -17.18
N LEU A 280 11.30 0.00 -16.53
CA LEU A 280 11.04 -0.80 -15.32
C LEU A 280 9.81 -1.65 -15.55
N ILE A 281 9.97 -2.96 -15.45
CA ILE A 281 8.86 -3.91 -15.48
C ILE A 281 8.91 -4.71 -14.18
N GLY A 282 7.75 -5.13 -13.70
CA GLY A 282 7.70 -5.90 -12.47
C GLY A 282 7.24 -5.13 -11.25
N CYS A 283 6.20 -4.31 -11.39
CA CYS A 283 5.56 -3.64 -10.25
C CYS A 283 4.08 -3.99 -10.29
N PRO A 284 3.60 -4.92 -9.44
CA PRO A 284 4.28 -5.79 -8.47
C PRO A 284 5.23 -6.75 -9.14
N HIS A 285 6.08 -7.40 -8.36
CA HIS A 285 7.19 -8.19 -8.87
C HIS A 285 6.75 -9.18 -9.95
N ALA A 286 7.59 -9.31 -10.96
CA ALA A 286 7.22 -10.04 -12.18
C ALA A 286 7.04 -11.53 -11.92
N SER A 287 6.04 -12.12 -12.58
CA SER A 287 5.88 -13.56 -12.60
C SER A 287 6.87 -14.16 -13.60
N LEU A 288 7.03 -15.48 -13.55
CA LEU A 288 7.88 -16.13 -14.54
C LEU A 288 7.33 -15.96 -15.96
N PRO A 289 6.01 -16.09 -16.23
CA PRO A 289 5.49 -15.70 -17.56
C PRO A 289 5.86 -14.30 -17.98
N GLU A 290 5.87 -13.33 -17.06
CA GLU A 290 6.26 -11.97 -17.43
C GLU A 290 7.72 -11.92 -17.85
N VAL A 291 8.59 -12.62 -17.14
CA VAL A 291 9.99 -12.71 -17.51
C VAL A 291 10.14 -13.38 -18.88
N LYS A 292 9.40 -14.47 -19.09
CA LYS A 292 9.46 -15.15 -20.38
C LYS A 292 9.05 -14.23 -21.52
N GLU A 293 7.95 -13.49 -21.34
CA GLU A 293 7.51 -12.55 -22.37
C GLU A 293 8.62 -11.59 -22.76
N ILE A 294 9.35 -11.07 -21.78
CA ILE A 294 10.37 -10.07 -22.09
C ILE A 294 11.54 -10.70 -22.83
N ALA A 295 11.95 -11.90 -22.43
CA ALA A 295 13.01 -12.60 -23.18
C ALA A 295 12.63 -12.76 -24.64
N GLU A 296 11.37 -13.12 -24.91
CA GLU A 296 10.92 -13.29 -26.29
C GLU A 296 10.90 -11.96 -27.04
N LEU A 297 10.42 -10.89 -26.40
CA LEU A 297 10.39 -9.59 -27.07
C LEU A 297 11.80 -9.08 -27.36
N LEU A 298 12.76 -9.33 -26.47
CA LEU A 298 14.12 -8.86 -26.69
C LEU A 298 14.79 -9.61 -27.83
N ARG A 299 14.54 -10.91 -27.94
CA ARG A 299 15.09 -11.68 -29.05
C ARG A 299 14.48 -11.26 -30.38
N MET A 300 13.20 -10.87 -30.39
CA MET A 300 12.63 -10.36 -31.64
C MET A 300 13.19 -9.00 -32.00
N ARG A 301 13.41 -8.13 -31.02
CA ARG A 301 14.07 -6.86 -31.32
C ARG A 301 15.44 -7.12 -31.95
N GLY A 302 16.19 -8.07 -31.39
CA GLY A 302 17.39 -8.59 -32.01
C GLY A 302 18.64 -7.74 -31.87
N LYS A 303 18.57 -6.63 -31.14
CA LYS A 303 19.68 -5.71 -30.87
C LYS A 303 19.49 -5.23 -29.44
N PRO A 304 20.57 -4.92 -28.72
CA PRO A 304 20.42 -4.48 -27.33
C PRO A 304 19.74 -3.12 -27.19
N LEU A 305 19.06 -2.94 -26.07
CA LEU A 305 18.56 -1.62 -25.71
C LEU A 305 19.74 -0.71 -25.40
N LYS A 306 19.60 0.57 -25.73
CA LYS A 306 20.61 1.56 -25.34
C LYS A 306 20.22 2.33 -24.07
N ILE A 307 19.10 2.01 -23.44
CA ILE A 307 18.85 2.41 -22.05
C ILE A 307 18.61 1.13 -21.26
N PRO A 308 18.89 1.08 -19.96
CA PRO A 308 18.75 -0.21 -19.26
C PRO A 308 17.28 -0.57 -19.04
N LEU A 309 17.02 -1.87 -19.13
CA LEU A 309 15.74 -2.44 -18.72
C LEU A 309 15.98 -3.21 -17.43
N PHE A 310 15.14 -2.96 -16.44
CA PHE A 310 15.19 -3.64 -15.15
C PHE A 310 13.88 -4.37 -14.92
N ILE A 311 13.96 -5.61 -14.48
CA ILE A 311 12.79 -6.40 -14.12
C ILE A 311 12.92 -6.72 -12.65
N THR A 312 12.07 -6.12 -11.82
CA THR A 312 12.12 -6.46 -10.40
C THR A 312 11.26 -7.69 -10.18
N ALA A 313 11.77 -8.66 -9.42
CA ALA A 313 11.07 -9.91 -9.25
C ALA A 313 11.52 -10.60 -7.98
N SER A 314 10.72 -11.58 -7.57
CA SER A 314 11.05 -12.36 -6.40
C SER A 314 12.27 -13.23 -6.64
N ARG A 315 12.93 -13.57 -5.53
CA ARG A 315 13.98 -14.57 -5.53
C ARG A 315 13.54 -15.85 -6.23
N ALA A 316 12.30 -16.30 -5.97
CA ALA A 316 11.83 -17.54 -6.60
C ALA A 316 11.82 -17.40 -8.11
N VAL A 317 11.25 -16.30 -8.61
CA VAL A 317 11.16 -16.09 -10.04
C VAL A 317 12.55 -15.89 -10.64
N LYS A 318 13.42 -15.15 -9.94
CA LYS A 318 14.79 -14.98 -10.41
C LYS A 318 15.48 -16.33 -10.55
N ALA A 319 15.29 -17.22 -9.58
CA ALA A 319 15.97 -18.50 -9.65
C ALA A 319 15.44 -19.37 -10.79
N LEU A 320 14.12 -19.32 -11.03
CA LEU A 320 13.55 -20.03 -12.17
C LEU A 320 14.05 -19.45 -13.48
N ALA A 321 14.16 -18.13 -13.55
CA ALA A 321 14.70 -17.50 -14.74
C ALA A 321 16.14 -17.93 -15.00
N ASP A 322 16.96 -18.00 -13.94
CA ASP A 322 18.33 -18.52 -14.08
C ASP A 322 18.30 -19.94 -14.60
N ALA A 323 17.52 -20.78 -13.94
CA ALA A 323 17.55 -22.21 -14.24
C ALA A 323 17.04 -22.49 -15.64
N LEU A 324 16.04 -21.73 -16.10
CA LEU A 324 15.47 -21.99 -17.42
C LEU A 324 16.17 -21.22 -18.53
N GLY A 325 17.18 -20.42 -18.23
CA GLY A 325 17.95 -19.75 -19.26
C GLY A 325 17.47 -18.38 -19.67
N TYR A 326 16.37 -17.87 -19.08
CA TYR A 326 15.89 -16.54 -19.47
C TYR A 326 16.81 -15.43 -19.01
N THR A 327 17.46 -15.58 -17.87
CA THR A 327 18.34 -14.52 -17.38
C THR A 327 19.44 -14.22 -18.39
N GLU A 328 20.07 -15.29 -18.91
CA GLU A 328 21.15 -15.11 -19.88
C GLU A 328 20.64 -14.44 -21.14
N ILE A 329 19.46 -14.82 -21.63
CA ILE A 329 18.91 -14.20 -22.83
C ILE A 329 18.71 -12.70 -22.60
N ILE A 330 18.09 -12.35 -21.48
CA ILE A 330 17.72 -10.97 -21.23
C ILE A 330 18.97 -10.10 -21.07
N GLU A 331 19.99 -10.62 -20.40
CA GLU A 331 21.22 -9.84 -20.21
C GLU A 331 21.95 -9.60 -21.53
N ARG A 332 21.72 -10.44 -22.54
CA ARG A 332 22.31 -10.22 -23.86
C ARG A 332 21.87 -8.90 -24.48
N TYR A 333 20.75 -8.32 -24.03
CA TYR A 333 20.14 -7.17 -24.70
C TYR A 333 20.01 -5.96 -23.79
N ASN A 334 20.77 -5.92 -22.69
CA ASN A 334 20.86 -4.82 -21.73
C ASN A 334 19.67 -4.81 -20.79
N GLY A 335 19.07 -5.98 -20.57
CA GLY A 335 18.10 -6.16 -19.51
C GLY A 335 18.72 -6.90 -18.32
N LYS A 336 18.13 -6.69 -17.13
CA LYS A 336 18.54 -7.38 -15.92
C LYS A 336 17.32 -7.66 -15.05
N ILE A 337 17.32 -8.83 -14.42
CA ILE A 337 16.35 -9.15 -13.38
C ILE A 337 16.98 -8.79 -12.05
N ILE A 338 16.31 -7.93 -11.30
CA ILE A 338 16.79 -7.47 -10.00
C ILE A 338 15.92 -8.12 -8.93
N PRO A 339 16.42 -9.11 -8.21
CA PRO A 339 15.63 -9.68 -7.12
C PRO A 339 15.67 -8.78 -5.89
N ASP A 340 14.72 -9.03 -4.97
CA ASP A 340 14.72 -8.56 -3.59
C ASP A 340 14.51 -7.06 -3.43
N SER A 341 14.20 -6.33 -4.51
CA SER A 341 14.29 -4.88 -4.46
C SER A 341 13.12 -4.25 -5.19
N CYS A 342 12.91 -2.96 -4.89
CA CYS A 342 11.89 -2.17 -5.56
C CYS A 342 12.43 -0.78 -5.88
N PHE A 343 12.29 -0.36 -7.13
CA PHE A 343 12.80 0.95 -7.54
C PHE A 343 11.90 2.10 -7.10
N VAL A 344 10.60 1.87 -6.97
CA VAL A 344 9.72 2.94 -6.52
C VAL A 344 10.11 3.43 -5.13
N VAL A 345 10.56 2.52 -4.27
CA VAL A 345 10.93 2.89 -2.90
C VAL A 345 12.43 3.18 -2.80
N SER A 346 13.10 3.41 -3.95
CA SER A 346 14.54 3.69 -3.89
C SER A 346 14.85 5.17 -4.16
N PRO A 347 15.90 5.71 -3.52
CA PRO A 347 16.25 7.12 -3.75
C PRO A 347 17.07 7.29 -5.02
N ILE A 348 16.40 7.16 -6.17
CA ILE A 348 17.10 7.12 -7.45
C ILE A 348 16.98 8.44 -8.20
N LYS A 349 16.41 9.48 -7.56
CA LYS A 349 16.29 10.82 -8.17
C LYS A 349 17.52 11.24 -8.96
N GLY A 350 18.70 11.19 -8.34
CA GLY A 350 19.89 11.62 -9.04
C GLY A 350 20.52 10.62 -9.99
N TRP A 351 19.95 9.43 -10.13
CA TRP A 351 20.47 8.42 -11.05
C TRP A 351 19.66 8.30 -12.33
N TYR A 352 18.34 8.49 -12.24
CA TYR A 352 17.46 8.35 -13.39
C TYR A 352 16.47 9.51 -13.36
N ARG A 353 16.20 10.10 -14.52
CA ARG A 353 15.28 11.23 -14.61
C ARG A 353 13.89 10.81 -15.10
N GLY A 354 13.81 9.70 -15.81
CA GLY A 354 12.58 9.29 -16.46
C GLY A 354 12.47 7.78 -16.57
N ILE A 355 11.27 7.26 -16.31
CA ILE A 355 11.05 5.82 -16.26
C ILE A 355 9.92 5.49 -17.20
N ALA A 356 10.18 4.58 -18.15
CA ALA A 356 9.14 3.93 -18.94
C ALA A 356 8.76 2.62 -18.29
N THR A 357 7.45 2.36 -18.23
CA THR A 357 6.97 1.19 -17.49
C THR A 357 5.62 0.77 -18.06
N ASN A 358 5.21 -0.48 -17.78
CA ASN A 358 3.84 -0.90 -18.05
C ASN A 358 2.96 -0.91 -16.80
N SER A 359 3.51 -0.51 -15.65
CA SER A 359 2.81 -0.60 -14.37
C SER A 359 2.12 0.72 -14.05
N GLY A 360 0.80 0.67 -13.85
CA GLY A 360 0.08 1.84 -13.38
C GLY A 360 0.47 2.27 -11.97
N LYS A 361 0.82 1.32 -11.11
CA LYS A 361 1.24 1.68 -9.75
C LYS A 361 2.57 2.44 -9.78
N SER A 362 3.55 1.92 -10.53
CA SER A 362 4.81 2.63 -10.68
C SER A 362 4.63 3.99 -11.33
N ALA A 363 3.79 4.06 -12.37
CA ALA A 363 3.60 5.33 -13.07
C ALA A 363 3.06 6.38 -12.13
N PHE A 364 2.12 5.98 -11.27
CA PHE A 364 1.53 6.90 -10.30
C PHE A 364 2.56 7.42 -9.32
N TYR A 365 3.35 6.52 -8.72
CA TYR A 365 4.30 6.96 -7.70
C TYR A 365 5.46 7.76 -8.30
N PHE A 366 6.00 7.33 -9.44
CA PHE A 366 7.11 8.07 -10.02
C PHE A 366 6.68 9.46 -10.47
N ARG A 367 5.47 9.60 -11.02
CA ARG A 367 4.95 10.92 -11.36
C ARG A 367 4.87 11.79 -10.12
N SER A 368 4.31 11.26 -9.04
CA SER A 368 4.17 12.06 -7.84
C SER A 368 5.51 12.40 -7.22
N PHE A 369 6.58 11.67 -7.56
CA PHE A 369 7.92 11.98 -7.07
C PHE A 369 8.68 12.97 -7.97
N GLY A 370 8.11 13.35 -9.10
CA GLY A 370 8.74 14.31 -9.98
C GLY A 370 9.49 13.73 -11.15
N PHE A 371 9.43 12.42 -11.36
CA PHE A 371 10.09 11.81 -12.52
C PHE A 371 9.25 12.00 -13.79
N SER A 372 9.92 11.99 -14.93
CA SER A 372 9.20 11.79 -16.18
C SER A 372 8.73 10.34 -16.27
N VAL A 373 7.59 10.14 -16.91
CA VAL A 373 6.96 8.82 -16.97
C VAL A 373 6.40 8.60 -18.36
N ARG A 374 6.71 7.45 -18.94
CA ARG A 374 6.06 6.93 -20.13
C ARG A 374 5.44 5.57 -19.77
N LEU A 375 4.13 5.46 -19.89
CA LEU A 375 3.41 4.23 -19.56
C LEU A 375 2.92 3.57 -20.84
N ASP A 376 3.30 2.30 -21.04
CA ASP A 376 2.94 1.60 -22.27
C ASP A 376 3.14 0.11 -22.06
N ASP A 377 2.55 -0.69 -22.95
CA ASP A 377 2.80 -2.13 -22.88
C ASP A 377 4.26 -2.45 -23.22
N VAL A 378 4.76 -3.55 -22.63
CA VAL A 378 6.20 -3.78 -22.67
C VAL A 378 6.64 -4.10 -24.09
N GLU A 379 5.76 -4.71 -24.91
CA GLU A 379 6.13 -4.94 -26.32
C GLU A 379 6.38 -3.62 -27.04
N ASN A 380 5.60 -2.59 -26.75
CA ASN A 380 5.82 -1.31 -27.41
C ASN A 380 7.07 -0.64 -26.87
N LEU A 381 7.31 -0.73 -25.57
CA LEU A 381 8.49 -0.11 -24.99
C LEU A 381 9.75 -0.75 -25.55
N ILE A 382 9.76 -2.07 -25.68
CA ILE A 382 10.97 -2.75 -26.14
C ILE A 382 11.20 -2.49 -27.63
N LYS A 383 10.11 -2.41 -28.40
CA LYS A 383 10.28 -2.15 -29.83
C LYS A 383 10.76 -0.72 -30.08
N GLU A 384 10.28 0.24 -29.31
CA GLU A 384 10.55 1.65 -29.60
C GLU A 384 11.77 2.21 -28.91
N ALA A 385 12.29 1.53 -27.89
CA ALA A 385 13.36 2.13 -27.11
C ALA A 385 14.61 2.30 -27.98
N PRO A 386 15.45 3.29 -27.67
CA PRO A 386 16.72 3.57 -28.38
C PRO A 386 17.62 2.34 -28.59
N GLY B 1 -19.31 26.68 20.20
CA GLY B 1 -19.83 26.65 18.86
C GLY B 1 -20.47 25.33 18.50
N PRO B 2 -20.66 25.08 17.20
CA PRO B 2 -21.27 23.81 16.78
C PRO B 2 -20.35 22.64 17.05
N LYS B 3 -20.98 21.51 17.37
CA LYS B 3 -20.26 20.29 17.71
C LYS B 3 -20.52 19.25 16.63
N LEU B 4 -19.45 18.60 16.18
CA LEU B 4 -19.53 17.48 15.25
C LEU B 4 -19.11 16.22 15.99
N LYS B 5 -19.98 15.22 16.03
CA LYS B 5 -19.74 14.03 16.82
C LYS B 5 -19.34 12.88 15.91
N GLY B 6 -18.19 12.28 16.22
CA GLY B 6 -17.68 11.17 15.46
C GLY B 6 -17.17 10.06 16.34
N ARG B 7 -16.11 9.37 15.91
CA ARG B 7 -15.59 8.18 16.57
C ARG B 7 -14.15 8.40 17.02
N LYS B 8 -13.84 8.05 18.25
CA LYS B 8 -12.46 8.07 18.71
C LYS B 8 -11.63 7.06 17.91
N ILE B 9 -10.51 7.52 17.35
CA ILE B 9 -9.47 6.65 16.78
C ILE B 9 -8.30 6.54 17.75
N VAL B 10 -7.70 7.67 18.11
CA VAL B 10 -6.69 7.74 19.16
C VAL B 10 -7.08 8.87 20.10
N GLY B 11 -7.06 8.60 21.42
CA GLY B 11 -7.51 9.56 22.41
C GLY B 11 -6.58 10.77 22.55
N GLY B 12 -6.96 11.66 23.46
CA GLY B 12 -6.25 12.91 23.66
C GLY B 12 -7.14 14.11 23.38
N LYS B 13 -6.60 15.28 23.70
CA LYS B 13 -7.31 16.53 23.47
C LYS B 13 -6.37 17.54 22.83
N ALA B 14 -6.92 18.34 21.91
CA ALA B 14 -6.11 19.32 21.21
C ALA B 14 -7.00 20.45 20.73
N GLU B 15 -6.38 21.61 20.56
CA GLU B 15 -7.03 22.79 20.03
C GLU B 15 -6.03 23.48 19.12
N GLY B 16 -6.51 23.98 17.99
CA GLY B 16 -5.62 24.63 17.06
C GLY B 16 -6.36 25.06 15.82
N GLU B 17 -5.57 25.42 14.81
CA GLU B 17 -6.10 25.91 13.54
C GLU B 17 -6.22 24.75 12.56
N VAL B 18 -7.29 24.76 11.79
CA VAL B 18 -7.61 23.68 10.86
C VAL B 18 -6.99 23.95 9.50
N ILE B 19 -6.44 22.90 8.88
CA ILE B 19 -6.07 22.90 7.48
C ILE B 19 -6.78 21.74 6.80
N VAL B 20 -7.55 22.04 5.75
CA VAL B 20 -8.52 21.12 5.17
C VAL B 20 -8.07 20.75 3.77
N SER B 21 -8.11 19.45 3.48
CA SER B 21 -8.05 18.95 2.11
C SER B 21 -9.33 18.18 1.81
N ARG B 22 -9.78 18.28 0.57
CA ARG B 22 -10.96 17.57 0.09
C ARG B 22 -10.62 16.34 -0.75
N LYS B 23 -9.33 15.98 -0.82
CA LYS B 23 -8.87 14.83 -1.59
C LYS B 23 -8.31 13.76 -0.66
N PRO B 24 -8.52 12.48 -0.95
CA PRO B 24 -7.86 11.42 -0.18
C PRO B 24 -6.35 11.65 -0.12
N LEU B 25 -5.73 11.18 0.96
CA LEU B 25 -4.33 11.46 1.17
C LEU B 25 -3.55 10.20 1.48
N SER B 26 -2.40 10.04 0.84
CA SER B 26 -1.43 9.02 1.19
C SER B 26 -0.22 9.72 1.81
N PHE B 27 0.08 9.42 3.07
CA PHE B 27 1.22 10.07 3.72
C PHE B 27 2.52 9.67 3.05
N LEU B 28 2.64 8.41 2.63
CA LEU B 28 3.78 8.01 1.79
C LEU B 28 3.60 8.58 0.39
N GLY B 29 4.36 9.64 0.09
CA GLY B 29 4.23 10.37 -1.15
C GLY B 29 3.54 11.72 -1.00
N GLY B 30 2.61 11.84 -0.07
CA GLY B 30 1.84 13.06 0.07
C GLY B 30 2.39 14.05 1.07
N VAL B 31 3.22 13.59 2.00
CA VAL B 31 3.77 14.45 3.05
C VAL B 31 5.24 14.11 3.24
N ASP B 32 6.06 15.16 3.32
CA ASP B 32 7.49 15.01 3.60
C ASP B 32 7.69 14.82 5.09
N PRO B 33 8.21 13.67 5.55
CA PRO B 33 8.37 13.46 6.99
C PRO B 33 9.39 14.38 7.63
N GLU B 34 10.26 14.99 6.84
CA GLU B 34 11.28 15.89 7.38
C GLU B 34 10.72 17.26 7.72
N THR B 35 9.70 17.69 7.00
CA THR B 35 9.24 19.06 7.07
C THR B 35 7.80 19.20 7.52
N GLY B 36 6.95 18.20 7.25
CA GLY B 36 5.53 18.37 7.43
C GLY B 36 4.84 19.08 6.30
N ILE B 37 5.54 19.31 5.20
CA ILE B 37 4.97 20.02 4.05
C ILE B 37 4.34 19.01 3.13
N VAL B 38 3.11 19.30 2.70
CA VAL B 38 2.45 18.43 1.74
C VAL B 38 3.20 18.48 0.41
N THR B 39 3.49 17.30 -0.13
CA THR B 39 4.28 17.17 -1.34
C THR B 39 3.51 16.51 -2.48
N ASP B 40 2.26 16.16 -2.27
CA ASP B 40 1.41 15.67 -3.35
C ASP B 40 1.23 16.76 -4.40
N ALA B 41 1.70 16.50 -5.62
CA ALA B 41 1.60 17.48 -6.70
C ALA B 41 0.16 17.77 -7.11
N GLU B 42 -0.82 16.99 -6.63
CA GLU B 42 -2.22 17.22 -6.92
C GLU B 42 -3.05 17.48 -5.67
N SER B 43 -2.41 17.72 -4.53
CA SER B 43 -3.17 18.05 -3.34
C SER B 43 -3.66 19.49 -3.43
N ASP B 44 -4.86 19.73 -2.91
CA ASP B 44 -5.37 21.09 -2.85
C ASP B 44 -4.70 21.94 -1.79
N ILE B 45 -3.85 21.35 -0.94
CA ILE B 45 -3.08 22.14 0.02
C ILE B 45 -1.59 21.87 -0.16
N ARG B 46 -1.18 21.53 -1.39
CA ARG B 46 0.23 21.30 -1.66
C ARG B 46 1.05 22.52 -1.27
N GLY B 47 2.24 22.27 -0.73
CA GLY B 47 3.16 23.31 -0.32
C GLY B 47 2.94 23.84 1.08
N GLN B 48 1.79 23.55 1.69
CA GLN B 48 1.52 24.04 3.02
C GLN B 48 1.98 23.03 4.06
N SER B 49 2.28 23.53 5.26
CA SER B 49 2.75 22.70 6.35
C SER B 49 1.56 22.19 7.16
N ILE B 50 1.63 20.92 7.57
CA ILE B 50 0.67 20.36 8.50
C ILE B 50 1.19 20.36 9.93
N ALA B 51 2.47 20.66 10.13
CA ALA B 51 3.07 20.54 11.45
C ALA B 51 2.36 21.46 12.45
N GLY B 52 1.97 20.89 13.59
CA GLY B 52 1.32 21.63 14.64
C GLY B 52 -0.11 22.06 14.37
N LYS B 53 -0.69 21.67 13.23
CA LYS B 53 -2.04 22.06 12.87
C LYS B 53 -3.02 20.92 13.15
N ILE B 54 -4.30 21.20 12.90
CA ILE B 54 -5.36 20.20 12.94
C ILE B 54 -5.69 19.85 11.49
N LEU B 55 -5.29 18.65 11.07
CA LEU B 55 -5.41 18.23 9.68
C LEU B 55 -6.72 17.51 9.43
N VAL B 56 -7.45 17.97 8.41
CA VAL B 56 -8.73 17.42 8.00
C VAL B 56 -8.60 16.89 6.57
N PHE B 57 -8.99 15.64 6.35
CA PHE B 57 -9.09 15.10 5.00
C PHE B 57 -10.12 13.99 4.99
N PRO B 58 -10.64 13.60 3.81
CA PRO B 58 -11.80 12.70 3.80
C PRO B 58 -11.47 11.25 4.15
N ARG B 59 -10.35 10.72 3.68
CA ARG B 59 -9.98 9.32 3.88
C ARG B 59 -8.56 9.12 3.35
N GLY B 60 -7.90 8.07 3.81
CA GLY B 60 -6.61 7.73 3.26
C GLY B 60 -6.72 7.02 1.91
N LYS B 61 -5.60 6.99 1.20
CA LYS B 61 -5.42 6.16 0.02
C LYS B 61 -3.99 5.64 0.02
N GLY B 62 -3.68 4.73 -0.90
CA GLY B 62 -2.29 4.43 -1.18
C GLY B 62 -1.61 3.50 -0.19
N SER B 63 -0.37 3.82 0.16
CA SER B 63 0.59 2.86 0.69
C SER B 63 0.27 2.39 2.10
N THR B 64 0.46 1.09 2.33
CA THR B 64 0.39 0.57 3.69
C THR B 64 1.57 1.01 4.55
N VAL B 65 2.60 1.61 3.95
CA VAL B 65 3.72 2.18 4.71
C VAL B 65 3.43 3.61 5.16
N GLY B 66 2.26 4.16 4.82
CA GLY B 66 1.87 5.45 5.36
C GLY B 66 1.96 5.55 6.88
N SER B 67 1.69 4.44 7.58
CA SER B 67 1.80 4.45 9.04
C SER B 67 3.20 4.85 9.50
N TYR B 68 4.23 4.42 8.77
CA TYR B 68 5.60 4.77 9.14
C TYR B 68 5.93 6.22 8.82
N VAL B 69 5.31 6.82 7.81
CA VAL B 69 5.55 8.24 7.54
C VAL B 69 4.98 9.08 8.66
N ILE B 70 3.76 8.75 9.10
CA ILE B 70 3.15 9.45 10.24
C ILE B 70 4.05 9.36 11.45
N TYR B 71 4.62 8.18 11.70
CA TYR B 71 5.50 8.00 12.85
C TYR B 71 6.76 8.85 12.71
N ALA B 72 7.34 8.89 11.52
CA ALA B 72 8.53 9.72 11.30
C ALA B 72 8.23 11.20 11.45
N LEU B 73 7.06 11.63 10.96
CA LEU B 73 6.64 13.03 11.17
C LEU B 73 6.60 13.36 12.65
N LYS B 74 5.98 12.49 13.44
CA LYS B 74 5.89 12.72 14.87
C LYS B 74 7.28 12.78 15.50
N LYS B 75 8.19 11.89 15.08
CA LYS B 75 9.53 11.89 15.68
C LYS B 75 10.33 13.12 15.27
N ASN B 76 10.05 13.68 14.10
CA ASN B 76 10.68 14.93 13.67
C ASN B 76 9.95 16.15 14.20
N ASN B 77 8.97 15.95 15.08
CA ASN B 77 8.12 17.01 15.62
C ASN B 77 7.55 17.89 14.50
N LYS B 78 7.10 17.26 13.41
CA LYS B 78 6.44 17.95 12.32
C LYS B 78 5.03 17.39 12.05
N ALA B 79 4.46 16.72 13.03
CA ALA B 79 3.14 16.13 12.83
C ALA B 79 2.06 17.10 13.25
N PRO B 80 0.85 16.94 12.70
CA PRO B 80 -0.27 17.75 13.18
C PRO B 80 -0.55 17.51 14.65
N LYS B 81 -1.21 18.48 15.28
CA LYS B 81 -1.65 18.31 16.65
C LYS B 81 -2.76 17.27 16.77
N ALA B 82 -3.60 17.18 15.74
CA ALA B 82 -4.66 16.18 15.71
C ALA B 82 -5.07 15.99 14.25
N ILE B 83 -5.80 14.91 14.00
CA ILE B 83 -6.27 14.60 12.65
C ILE B 83 -7.75 14.25 12.70
N ILE B 84 -8.51 14.84 11.79
CA ILE B 84 -9.95 14.60 11.65
C ILE B 84 -10.17 14.07 10.24
N VAL B 85 -10.78 12.89 10.13
CA VAL B 85 -11.03 12.31 8.82
C VAL B 85 -12.50 11.90 8.74
N GLY B 86 -12.99 11.76 7.50
CA GLY B 86 -14.34 11.22 7.32
C GLY B 86 -14.42 9.75 7.68
N GLU B 87 -13.47 8.95 7.17
CA GLU B 87 -13.36 7.55 7.55
C GLU B 87 -11.88 7.21 7.65
N ALA B 88 -11.47 6.59 8.77
CA ALA B 88 -10.08 6.24 9.00
C ALA B 88 -9.88 4.75 8.83
N GLU B 89 -9.13 4.36 7.78
CA GLU B 89 -8.82 2.95 7.57
C GLU B 89 -7.64 2.51 8.43
N THR B 90 -7.38 1.19 8.41
CA THR B 90 -6.39 0.59 9.29
C THR B 90 -5.02 1.26 9.19
N ILE B 91 -4.58 1.58 7.97
CA ILE B 91 -3.26 2.18 7.79
C ILE B 91 -3.16 3.49 8.57
N VAL B 92 -4.16 4.36 8.41
CA VAL B 92 -4.10 5.67 9.05
C VAL B 92 -4.24 5.52 10.56
N ALA B 93 -5.23 4.74 10.99
CA ALA B 93 -5.39 4.47 12.42
C ALA B 93 -4.09 3.96 13.03
N THR B 94 -3.43 3.02 12.34
CA THR B 94 -2.21 2.45 12.90
C THR B 94 -1.13 3.51 13.07
N GLY B 95 -1.00 4.43 12.11
CA GLY B 95 -0.03 5.51 12.24
C GLY B 95 -0.31 6.38 13.46
N ALA B 96 -1.57 6.77 13.65
CA ALA B 96 -1.93 7.56 14.82
C ALA B 96 -1.65 6.81 16.12
N ILE B 97 -1.99 5.52 16.18
CA ILE B 97 -1.80 4.73 17.40
C ILE B 97 -0.34 4.70 17.80
N ILE B 98 0.56 4.31 16.88
CA ILE B 98 1.96 4.21 17.28
C ILE B 98 2.60 5.58 17.47
N SER B 99 1.99 6.64 16.94
CA SER B 99 2.53 7.99 17.06
C SER B 99 1.87 8.79 18.17
N ASP B 100 0.85 8.24 18.84
CA ASP B 100 0.08 8.98 19.85
C ASP B 100 -0.38 10.34 19.34
N ILE B 101 -0.98 10.36 18.16
CA ILE B 101 -1.56 11.58 17.59
C ILE B 101 -3.08 11.50 17.77
N PRO B 102 -3.71 12.43 18.50
CA PRO B 102 -5.17 12.38 18.66
C PRO B 102 -5.88 12.40 17.31
N MET B 103 -6.90 11.55 17.17
CA MET B 103 -7.54 11.35 15.88
C MET B 103 -8.98 10.90 16.04
N VAL B 104 -9.87 11.46 15.22
CA VAL B 104 -11.27 11.06 15.16
C VAL B 104 -11.66 10.86 13.71
N ASP B 105 -12.70 10.05 13.50
CA ASP B 105 -13.29 9.90 12.17
C ASP B 105 -14.80 9.92 12.31
N GLY B 106 -15.50 9.72 11.19
CA GLY B 106 -16.95 9.76 11.25
C GLY B 106 -17.53 11.16 11.36
N VAL B 107 -16.72 12.18 11.14
CA VAL B 107 -17.10 13.58 11.20
C VAL B 107 -17.52 14.05 9.81
N ASP B 108 -18.53 14.92 9.75
CA ASP B 108 -18.93 15.52 8.47
C ASP B 108 -17.91 16.60 8.12
N VAL B 109 -16.82 16.19 7.45
CA VAL B 109 -15.71 17.12 7.24
C VAL B 109 -16.07 18.28 6.30
N SER B 110 -17.16 18.18 5.54
CA SER B 110 -17.57 19.30 4.70
C SER B 110 -17.91 20.54 5.52
N LYS B 111 -18.19 20.37 6.82
CA LYS B 111 -18.51 21.50 7.68
C LYS B 111 -17.27 22.17 8.26
N LEU B 112 -16.08 21.68 7.95
CA LEU B 112 -14.83 22.28 8.40
C LEU B 112 -14.14 22.96 7.22
N LYS B 113 -13.55 24.13 7.49
CA LYS B 113 -12.92 24.94 6.46
C LYS B 113 -11.59 25.46 6.98
N THR B 114 -10.66 25.71 6.07
CA THR B 114 -9.32 26.10 6.47
C THR B 114 -9.35 27.39 7.27
N GLY B 115 -8.52 27.45 8.32
CA GLY B 115 -8.43 28.61 9.15
C GLY B 115 -9.32 28.62 10.38
N MET B 116 -10.27 27.70 10.49
CA MET B 116 -11.09 27.62 11.69
C MET B 116 -10.23 27.24 12.90
N LYS B 117 -10.63 27.75 14.06
CA LYS B 117 -10.12 27.27 15.33
C LYS B 117 -11.09 26.24 15.87
N VAL B 118 -10.56 25.13 16.36
CA VAL B 118 -11.39 24.00 16.78
C VAL B 118 -10.78 23.36 18.02
N ARG B 119 -11.66 22.78 18.84
CA ARG B 119 -11.26 21.87 19.89
C ARG B 119 -11.63 20.45 19.46
N VAL B 120 -10.67 19.53 19.52
CA VAL B 120 -10.92 18.13 19.23
C VAL B 120 -10.88 17.38 20.54
N ASP B 121 -12.02 16.82 20.96
CA ASP B 121 -12.06 15.96 22.13
C ASP B 121 -12.02 14.52 21.60
N ALA B 122 -10.79 14.05 21.37
CA ALA B 122 -10.62 12.76 20.71
C ALA B 122 -11.10 11.62 21.60
N ASP B 123 -11.00 11.78 22.92
CA ASP B 123 -11.48 10.71 23.81
C ASP B 123 -12.94 10.40 23.58
N SER B 124 -13.74 11.42 23.27
CA SER B 124 -15.16 11.25 23.04
C SER B 124 -15.53 11.32 21.56
N GLY B 125 -14.57 11.57 20.69
CA GLY B 125 -14.85 11.64 19.28
C GLY B 125 -15.47 12.94 18.81
N GLU B 126 -15.41 13.98 19.61
CA GLU B 126 -16.16 15.20 19.36
C GLU B 126 -15.25 16.32 18.86
N VAL B 127 -15.72 17.05 17.86
CA VAL B 127 -15.04 18.24 17.36
C VAL B 127 -15.94 19.44 17.62
N GLU B 128 -15.38 20.50 18.20
CA GLU B 128 -16.10 21.74 18.46
C GLU B 128 -15.46 22.89 17.69
N ILE B 129 -16.27 23.58 16.89
CA ILE B 129 -15.80 24.76 16.15
C ILE B 129 -15.86 25.98 17.06
N LEU B 130 -14.77 26.74 17.14
CA LEU B 130 -14.67 27.86 18.06
C LEU B 130 -14.93 29.17 17.34
N GLU B 131 -15.93 29.91 17.81
CA GLU B 131 -16.40 31.16 17.22
C GLU B 131 -15.87 32.35 18.02
#